data_5KP5
#
_entry.id   5KP5
#
_cell.length_a   101.162
_cell.length_b   101.162
_cell.length_c   106.234
_cell.angle_alpha   90.000
_cell.angle_beta   90.000
_cell.angle_gamma   120.000
#
_symmetry.space_group_name_H-M   'P 31 2 1'
#
loop_
_entity.id
_entity.type
_entity.pdbx_description
1 polymer CurD
2 non-polymer 'SULFATE ION'
3 water water
#
_entity_poly.entity_id   1
_entity_poly.type   'polypeptide(L)'
_entity_poly.pdbx_seq_one_letter_code
;MHHHHHHSSGVDLGTENLYFQSNAMQQVGIEALSVYGGAAQLELRKLAQARQLDISRFDNLMMKEKAVSLPYEDPVSYAV
NAAKPIIDRLSDADKQRIEMVITCSESGIDFGKSMSTYIQEYLGLSRNCRMFELKQACYSGTAGLQMAINLILSQTFPGA
KALVIATDISRFLVAEGGEAINYDWSFAEPSSGAGAVALLVSDTPHIFQIDVGCNGYYGYEVMDTCRPNPDSEAGDADLS
LLSYLDCCENAYRHYQNRVEGVDYRESFDYLSFHTPFGGMVKGAHRNMMRRLKRAKPAEIEADFQRRVMPGLVYCQQVGN
IMGATLFLSLASTIDNGDFSTPRRIGMFSYGSGCCSEFYSGVVTPEGAAIAAQQGISAQLADRYSLSMEEYEQLLYHSSA
VAFGTRNVTLDYQLFPGVWKKIAGKGRLVLKAIKEFHRKYEWV
;
_entity_poly.pdbx_strand_id   A
#
loop_
_chem_comp.id
_chem_comp.type
_chem_comp.name
_chem_comp.formula
SO4 non-polymer 'SULFATE ION' 'O4 S -2'
#
# COMPACT_ATOMS: atom_id res chain seq x y z
N GLN A 26 20.91 -5.11 16.80
CA GLN A 26 21.28 -4.77 15.41
C GLN A 26 20.20 -3.91 14.78
N GLN A 27 20.55 -3.14 13.76
CA GLN A 27 19.56 -2.27 13.18
C GLN A 27 19.14 -2.56 11.77
N VAL A 28 17.87 -2.29 11.55
CA VAL A 28 17.22 -2.72 10.34
C VAL A 28 15.93 -1.96 10.22
N GLY A 29 15.55 -1.71 8.98
CA GLY A 29 14.28 -1.09 8.71
C GLY A 29 14.22 -0.50 7.34
N ILE A 30 13.34 0.49 7.21
CA ILE A 30 13.09 1.10 5.94
C ILE A 30 14.05 2.27 5.78
N GLU A 31 14.94 2.16 4.78
CA GLU A 31 15.92 3.16 4.42
C GLU A 31 15.27 4.25 3.57
N ALA A 32 14.31 3.86 2.73
CA ALA A 32 13.58 4.82 1.91
C ALA A 32 12.19 4.30 1.51
N LEU A 33 11.27 5.23 1.30
CA LEU A 33 9.90 4.93 1.04
C LEU A 33 9.39 5.88 0.01
N SER A 34 8.85 5.35 -1.09
CA SER A 34 8.20 6.18 -2.11
C SER A 34 6.86 5.59 -2.53
N VAL A 35 5.98 6.49 -2.98
CA VAL A 35 4.60 6.16 -3.25
C VAL A 35 4.19 6.56 -4.65
N TYR A 36 3.30 5.79 -5.29
CA TYR A 36 2.63 6.23 -6.52
C TYR A 36 1.14 6.00 -6.37
N GLY A 37 0.38 7.09 -6.50
CA GLY A 37 -1.03 7.12 -6.15
C GLY A 37 -1.92 7.33 -7.36
N GLY A 38 -1.39 6.97 -8.53
CA GLY A 38 -2.14 7.06 -9.76
C GLY A 38 -1.89 8.37 -10.50
N ALA A 39 -2.38 8.40 -11.72
CA ALA A 39 -2.35 9.57 -12.54
C ALA A 39 -3.70 10.24 -12.54
N ALA A 40 -4.73 9.54 -12.11
CA ALA A 40 -6.08 10.06 -12.12
C ALA A 40 -6.84 9.60 -10.89
N GLN A 41 -7.90 10.34 -10.55
CA GLN A 41 -8.80 9.93 -9.46
C GLN A 41 -10.25 10.37 -9.66
N LEU A 42 -11.13 9.72 -8.92
CA LEU A 42 -12.58 10.04 -8.90
C LEU A 42 -12.99 10.49 -7.50
N GLU A 43 -13.60 11.68 -7.43
CA GLU A 43 -14.26 12.14 -6.20
C GLU A 43 -15.51 11.30 -6.00
N LEU A 44 -15.61 10.68 -4.84
CA LEU A 44 -16.68 9.71 -4.61
C LEU A 44 -18.06 10.34 -4.47
N ARG A 45 -18.12 11.64 -4.16
CA ARG A 45 -19.39 12.38 -4.14
C ARG A 45 -20.05 12.32 -5.50
N LYS A 46 -19.25 12.43 -6.56
CA LYS A 46 -19.78 12.29 -7.92
C LYS A 46 -20.37 10.90 -8.15
N LEU A 47 -19.76 9.86 -7.57
CA LEU A 47 -20.25 8.50 -7.75
C LEU A 47 -21.59 8.34 -7.04
N ALA A 48 -21.60 8.67 -5.75
CA ALA A 48 -22.83 8.72 -4.94
C ALA A 48 -23.99 9.34 -5.70
N GLN A 49 -23.83 10.62 -6.05
CA GLN A 49 -24.89 11.38 -6.74
C GLN A 49 -25.39 10.66 -7.97
N ALA A 50 -24.48 10.19 -8.81
CA ALA A 50 -24.87 9.49 -10.03
C ALA A 50 -25.47 8.11 -9.72
N ARG A 51 -24.99 7.46 -8.67
CA ARG A 51 -25.44 6.11 -8.33
C ARG A 51 -26.69 6.12 -7.43
N GLN A 52 -27.26 7.31 -7.22
CA GLN A 52 -28.51 7.50 -6.46
C GLN A 52 -28.41 7.16 -4.99
N LEU A 53 -27.22 7.20 -4.43
CA LEU A 53 -27.03 6.94 -3.02
C LEU A 53 -27.06 8.26 -2.26
N ASP A 54 -27.09 8.16 -0.93
CA ASP A 54 -27.02 9.34 -0.06
C ASP A 54 -25.57 9.80 0.09
N ILE A 55 -25.36 11.12 0.10
CA ILE A 55 -23.99 11.69 0.17
C ILE A 55 -23.36 11.46 1.54
N SER A 56 -24.20 11.26 2.57
CA SER A 56 -23.70 11.01 3.92
C SER A 56 -23.10 9.62 4.06
N ARG A 57 -23.34 8.76 3.07
CA ARG A 57 -22.78 7.41 3.05
C ARG A 57 -21.26 7.39 3.00
N PHE A 58 -20.71 7.97 1.95
CA PHE A 58 -19.26 7.93 1.79
C PHE A 58 -18.57 8.77 2.85
N ASP A 59 -19.23 9.87 3.25
CA ASP A 59 -18.81 10.71 4.40
C ASP A 59 -18.71 9.88 5.69
N ASN A 60 -19.79 9.17 6.01
CA ASN A 60 -19.82 8.30 7.18
C ASN A 60 -18.74 7.22 7.18
N LEU A 61 -18.27 6.82 6.00
CA LEU A 61 -17.27 5.76 5.87
C LEU A 61 -15.87 6.32 5.71
N MET A 62 -15.80 7.63 5.56
CA MET A 62 -14.57 8.39 5.46
C MET A 62 -13.85 8.15 4.14
N MET A 63 -14.61 7.95 3.07
CA MET A 63 -14.04 7.86 1.73
C MET A 63 -14.24 9.18 0.96
N LYS A 64 -13.18 9.74 0.39
CA LYS A 64 -13.25 10.98 -0.36
C LYS A 64 -12.99 10.73 -1.83
N GLU A 65 -11.82 10.15 -2.13
CA GLU A 65 -11.41 9.89 -3.51
C GLU A 65 -10.79 8.51 -3.68
N LYS A 66 -10.84 8.02 -4.91
CA LYS A 66 -10.06 6.83 -5.23
C LYS A 66 -9.19 7.06 -6.45
N ALA A 67 -7.96 6.54 -6.37
CA ALA A 67 -7.11 6.47 -7.57
C ALA A 67 -7.71 5.51 -8.54
N VAL A 68 -7.61 5.86 -9.81
CA VAL A 68 -8.07 5.01 -10.90
C VAL A 68 -6.96 4.82 -11.94
N SER A 69 -6.73 3.57 -12.28
CA SER A 69 -5.74 3.14 -13.25
C SER A 69 -6.23 3.34 -14.68
N LEU A 70 -5.35 3.86 -15.53
CA LEU A 70 -5.67 3.94 -16.96
C LEU A 70 -5.43 2.59 -17.63
N PRO A 71 -5.97 2.38 -18.84
CA PRO A 71 -5.69 1.11 -19.54
C PRO A 71 -4.22 0.91 -19.89
N TYR A 72 -3.47 2.01 -20.04
CA TYR A 72 -2.03 1.88 -20.33
C TYR A 72 -1.23 1.89 -19.04
N GLU A 73 -1.81 1.39 -17.95
CA GLU A 73 -1.10 1.22 -16.69
C GLU A 73 -1.46 -0.13 -16.14
N ASP A 74 -0.54 -0.74 -15.41
CA ASP A 74 -0.80 -2.03 -14.78
C ASP A 74 0.05 -2.11 -13.50
N PRO A 75 0.06 -3.27 -12.82
CA PRO A 75 0.77 -3.31 -11.55
C PRO A 75 2.27 -3.11 -11.68
N VAL A 76 2.84 -3.50 -12.82
CA VAL A 76 4.24 -3.32 -13.11
C VAL A 76 4.56 -1.82 -13.23
N SER A 77 3.79 -1.10 -14.04
CA SER A 77 4.05 0.31 -14.26
C SER A 77 3.82 1.07 -12.96
N TYR A 78 2.78 0.68 -12.21
CA TYR A 78 2.57 1.28 -10.89
C TYR A 78 3.80 1.08 -10.01
N ALA A 79 4.30 -0.15 -9.94
CA ALA A 79 5.42 -0.46 -9.05
C ALA A 79 6.69 0.26 -9.40
N VAL A 80 6.98 0.35 -10.70
CA VAL A 80 8.20 1.00 -11.16
C VAL A 80 8.14 2.49 -10.85
N ASN A 81 6.97 3.10 -11.05
CA ASN A 81 6.79 4.52 -10.74
C ASN A 81 6.89 4.77 -9.25
N ALA A 82 6.44 3.84 -8.43
CA ALA A 82 6.65 4.00 -6.98
C ALA A 82 8.13 3.91 -6.63
N ALA A 83 8.86 3.03 -7.32
CA ALA A 83 10.26 2.74 -6.94
C ALA A 83 11.30 3.64 -7.56
N LYS A 84 10.96 4.23 -8.70
CA LYS A 84 11.91 5.04 -9.48
C LYS A 84 12.67 6.11 -8.66
N PRO A 85 11.98 6.87 -7.80
CA PRO A 85 12.70 7.90 -6.98
C PRO A 85 13.71 7.32 -6.00
N ILE A 86 13.48 6.08 -5.56
CA ILE A 86 14.39 5.47 -4.61
C ILE A 86 15.67 5.19 -5.35
N ILE A 87 15.51 4.59 -6.51
CA ILE A 87 16.62 4.19 -7.33
C ILE A 87 17.37 5.42 -7.89
N ASP A 88 16.67 6.46 -8.34
CA ASP A 88 17.32 7.69 -8.82
C ASP A 88 18.34 8.23 -7.81
N ARG A 89 18.03 8.17 -6.53
CA ARG A 89 18.90 8.74 -5.48
C ARG A 89 20.15 7.91 -5.14
N LEU A 90 20.17 6.63 -5.46
CA LEU A 90 21.24 5.76 -5.02
C LEU A 90 22.53 5.92 -5.84
N SER A 91 23.68 5.81 -5.19
CA SER A 91 24.92 5.72 -5.94
C SER A 91 24.89 4.42 -6.74
N ASP A 92 25.78 4.28 -7.72
CA ASP A 92 25.84 3.05 -8.49
C ASP A 92 26.15 1.89 -7.57
N ALA A 93 27.12 2.07 -6.68
CA ALA A 93 27.47 1.02 -5.71
C ALA A 93 26.24 0.56 -4.91
N ASP A 94 25.46 1.50 -4.42
CA ASP A 94 24.31 1.17 -3.57
C ASP A 94 23.21 0.48 -4.39
N LYS A 95 23.01 0.94 -5.60
CA LYS A 95 22.07 0.33 -6.50
C LYS A 95 22.44 -1.14 -6.72
N GLN A 96 23.73 -1.43 -6.83
CA GLN A 96 24.18 -2.79 -7.07
C GLN A 96 24.05 -3.66 -5.85
N ARG A 97 23.92 -3.05 -4.68
CA ARG A 97 23.69 -3.81 -3.46
C ARG A 97 22.26 -4.38 -3.28
N ILE A 98 21.32 -3.93 -4.09
CA ILE A 98 19.98 -4.53 -4.05
C ILE A 98 20.09 -5.94 -4.62
N GLU A 99 19.93 -6.92 -3.75
CA GLU A 99 20.05 -8.35 -4.12
C GLU A 99 18.76 -9.15 -3.93
N MET A 100 17.68 -8.45 -3.61
CA MET A 100 16.37 -9.10 -3.55
C MET A 100 15.32 -8.09 -3.99
N VAL A 101 14.43 -8.53 -4.87
CA VAL A 101 13.23 -7.77 -5.22
C VAL A 101 11.99 -8.62 -4.99
N ILE A 102 11.15 -8.20 -4.05
CA ILE A 102 9.92 -8.89 -3.74
C ILE A 102 8.75 -8.00 -4.14
N THR A 103 7.91 -8.51 -5.02
CA THR A 103 6.70 -7.82 -5.43
C THR A 103 5.52 -8.44 -4.71
N CYS A 104 4.74 -7.59 -4.03
CA CYS A 104 3.63 -8.04 -3.15
C CYS A 104 2.36 -7.58 -3.76
N SER A 105 1.50 -8.52 -4.11
CA SER A 105 0.35 -8.19 -4.92
C SER A 105 -0.70 -9.27 -4.91
N GLU A 106 -1.94 -8.86 -5.17
CA GLU A 106 -3.01 -9.75 -5.48
C GLU A 106 -3.61 -9.38 -6.87
N SER A 107 -2.84 -8.69 -7.70
CA SER A 107 -3.27 -8.30 -9.07
C SER A 107 -2.25 -8.83 -10.07
N GLY A 108 -1.79 -10.06 -9.88
CA GLY A 108 -0.79 -10.66 -10.73
C GLY A 108 -1.21 -10.79 -12.20
N ILE A 109 -0.21 -10.89 -13.06
CA ILE A 109 -0.41 -10.93 -14.50
C ILE A 109 -0.07 -12.28 -15.12
N ASP A 110 0.43 -13.22 -14.32
CA ASP A 110 0.79 -14.54 -14.82
C ASP A 110 0.72 -15.53 -13.66
N PHE A 111 0.51 -16.81 -13.98
CA PHE A 111 0.50 -17.85 -12.96
C PHE A 111 1.90 -18.22 -12.43
N GLY A 112 2.95 -18.05 -13.24
CA GLY A 112 4.31 -18.34 -12.77
C GLY A 112 5.30 -17.18 -12.79
N LYS A 113 5.19 -16.29 -13.76
CA LYS A 113 6.18 -15.24 -13.94
C LYS A 113 5.89 -14.12 -12.92
N SER A 114 6.87 -13.80 -12.06
CA SER A 114 6.70 -12.69 -11.15
C SER A 114 6.86 -11.38 -11.89
N MET A 115 6.18 -10.39 -11.38
CA MET A 115 6.35 -9.04 -11.85
C MET A 115 7.73 -8.49 -11.55
N SER A 116 8.43 -9.12 -10.61
CA SER A 116 9.72 -8.64 -10.20
C SER A 116 10.74 -8.62 -11.36
N THR A 117 10.60 -9.53 -12.33
CA THR A 117 11.47 -9.58 -13.49
C THR A 117 11.35 -8.32 -14.35
N TYR A 118 10.13 -7.86 -14.61
CA TYR A 118 9.93 -6.59 -15.36
C TYR A 118 10.42 -5.41 -14.57
N ILE A 119 10.25 -5.44 -13.27
CA ILE A 119 10.64 -4.33 -12.42
C ILE A 119 12.15 -4.18 -12.42
N GLN A 120 12.84 -5.29 -12.27
CA GLN A 120 14.28 -5.34 -12.38
C GLN A 120 14.80 -4.75 -13.70
N GLU A 121 14.15 -5.14 -14.79
CA GLU A 121 14.52 -4.71 -16.14
C GLU A 121 14.38 -3.18 -16.26
N TYR A 122 13.26 -2.60 -15.87
CA TYR A 122 13.02 -1.20 -16.15
C TYR A 122 13.65 -0.27 -15.13
N LEU A 123 14.07 -0.77 -13.98
CA LEU A 123 14.82 0.06 -13.06
C LEU A 123 16.32 -0.12 -13.24
N GLY A 124 16.74 -1.10 -14.02
CA GLY A 124 18.14 -1.34 -14.31
C GLY A 124 18.92 -2.01 -13.18
N LEU A 125 18.32 -2.90 -12.42
CA LEU A 125 19.00 -3.48 -11.26
C LEU A 125 19.94 -4.61 -11.64
N SER A 126 20.79 -5.05 -10.72
CA SER A 126 21.75 -6.09 -11.02
C SER A 126 21.06 -7.43 -11.39
N ARG A 127 21.72 -8.22 -12.24
CA ARG A 127 21.27 -9.54 -12.54
C ARG A 127 21.55 -10.51 -11.39
N ASN A 128 22.43 -10.14 -10.47
CA ASN A 128 22.67 -10.96 -9.28
C ASN A 128 21.67 -10.60 -8.21
N CYS A 129 20.43 -11.07 -8.38
CA CYS A 129 19.30 -10.58 -7.62
C CYS A 129 18.21 -11.65 -7.56
N ARG A 130 17.79 -12.03 -6.35
CA ARG A 130 16.67 -12.93 -6.17
C ARG A 130 15.38 -12.17 -6.49
N MET A 131 14.49 -12.79 -7.25
CA MET A 131 13.27 -12.13 -7.72
C MET A 131 12.08 -13.08 -7.57
N PHE A 132 11.03 -12.62 -6.87
CA PHE A 132 9.79 -13.38 -6.75
C PHE A 132 8.63 -12.46 -6.28
N GLU A 133 7.44 -13.03 -6.32
CA GLU A 133 6.23 -12.37 -5.99
C GLU A 133 5.56 -13.12 -4.85
N LEU A 134 4.89 -12.37 -3.99
CA LEU A 134 4.34 -12.90 -2.77
C LEU A 134 2.88 -12.50 -2.70
N LYS A 135 2.06 -13.48 -2.34
CA LYS A 135 0.61 -13.41 -2.28
C LYS A 135 0.04 -13.87 -0.89
N GLN A 136 -0.78 -13.03 -0.29
CA GLN A 136 -1.74 -13.41 0.82
C GLN A 136 -2.67 -12.22 1.07
N ALA A 137 -3.51 -11.99 0.08
CA ALA A 137 -4.33 -10.82 -0.03
C ALA A 137 -3.57 -9.57 0.49
N CYS A 138 -4.17 -8.75 1.36
CA CYS A 138 -3.57 -7.47 1.78
C CYS A 138 -2.46 -7.59 2.80
N TYR A 139 -2.18 -8.82 3.24
CA TYR A 139 -1.06 -9.09 4.10
C TYR A 139 0.27 -9.16 3.31
N SER A 140 0.19 -9.26 1.98
CA SER A 140 1.37 -9.52 1.15
C SER A 140 2.51 -8.53 1.45
N GLY A 141 2.23 -7.25 1.51
CA GLY A 141 3.28 -6.25 1.75
C GLY A 141 4.09 -6.49 3.00
N THR A 142 3.39 -6.68 4.12
CA THR A 142 4.03 -6.92 5.40
C THR A 142 4.85 -8.20 5.36
N ALA A 143 4.32 -9.21 4.71
CA ALA A 143 5.09 -10.47 4.61
C ALA A 143 6.41 -10.23 3.86
N GLY A 144 6.31 -9.47 2.79
CA GLY A 144 7.50 -9.10 2.01
C GLY A 144 8.47 -8.29 2.84
N LEU A 145 7.96 -7.31 3.58
CA LEU A 145 8.82 -6.50 4.46
C LEU A 145 9.52 -7.39 5.49
N GLN A 146 8.79 -8.29 6.07
CA GLN A 146 9.41 -9.16 7.10
C GLN A 146 10.47 -10.07 6.53
N MET A 147 10.26 -10.58 5.33
CA MET A 147 11.29 -11.40 4.66
C MET A 147 12.56 -10.57 4.38
N ALA A 148 12.38 -9.30 4.04
CA ALA A 148 13.49 -8.41 3.76
C ALA A 148 14.29 -8.10 5.01
N ILE A 149 13.56 -7.82 6.07
CA ILE A 149 14.14 -7.62 7.39
C ILE A 149 14.98 -8.82 7.75
N ASN A 150 14.43 -10.02 7.62
CA ASN A 150 15.20 -11.21 7.95
C ASN A 150 16.44 -11.48 7.08
N LEU A 151 16.43 -10.99 5.83
CA LEU A 151 17.61 -11.05 5.01
C LEU A 151 18.78 -10.23 5.61
N ILE A 152 18.49 -8.99 6.01
CA ILE A 152 19.49 -8.13 6.63
C ILE A 152 19.93 -8.76 7.96
N LEU A 153 18.98 -9.16 8.81
CA LEU A 153 19.30 -9.75 10.10
C LEU A 153 19.99 -11.09 10.05
N SER A 154 19.74 -11.88 9.01
CA SER A 154 20.49 -13.12 8.83
C SER A 154 22.01 -12.90 8.76
N GLN A 155 22.43 -11.71 8.34
CA GLN A 155 23.83 -11.43 8.03
C GLN A 155 24.49 -12.44 7.09
N THR A 156 23.71 -13.04 6.20
CA THR A 156 24.30 -13.89 5.17
C THR A 156 25.13 -13.08 4.14
N PHE A 157 24.74 -11.83 3.89
CA PHE A 157 25.39 -10.97 2.91
C PHE A 157 25.40 -9.54 3.38
N PRO A 158 26.27 -9.23 4.35
CA PRO A 158 26.38 -7.87 4.87
C PRO A 158 26.46 -6.83 3.77
N GLY A 159 25.71 -5.75 3.89
CA GLY A 159 25.69 -4.71 2.87
C GLY A 159 24.51 -4.88 1.90
N ALA A 160 23.96 -6.09 1.79
CA ALA A 160 22.83 -6.30 0.88
C ALA A 160 21.61 -5.48 1.28
N LYS A 161 20.94 -4.93 0.29
CA LYS A 161 19.65 -4.31 0.51
C LYS A 161 18.57 -5.11 -0.18
N ALA A 162 17.32 -4.81 0.16
CA ALA A 162 16.17 -5.44 -0.50
C ALA A 162 15.19 -4.39 -0.94
N LEU A 163 14.56 -4.59 -2.08
CA LEU A 163 13.53 -3.68 -2.55
C LEU A 163 12.18 -4.44 -2.48
N VAL A 164 11.24 -3.92 -1.68
CA VAL A 164 9.94 -4.56 -1.50
C VAL A 164 8.91 -3.62 -2.07
N ILE A 165 8.10 -4.08 -3.02
CA ILE A 165 7.12 -3.20 -3.63
C ILE A 165 5.74 -3.83 -3.55
N ALA A 166 4.83 -3.16 -2.86
CA ALA A 166 3.42 -3.60 -2.84
C ALA A 166 2.67 -2.79 -3.87
N THR A 167 2.00 -3.50 -4.77
CA THR A 167 1.34 -2.88 -5.90
C THR A 167 0.07 -3.63 -6.21
N ASP A 168 -1.01 -2.88 -6.38
CA ASP A 168 -2.33 -3.42 -6.70
C ASP A 168 -3.19 -2.41 -7.46
N ILE A 169 -4.01 -2.94 -8.36
CA ILE A 169 -5.01 -2.13 -9.07
C ILE A 169 -6.31 -2.87 -8.97
N SER A 170 -7.41 -2.15 -8.91
CA SER A 170 -8.73 -2.77 -8.94
C SER A 170 -9.33 -2.58 -10.33
N ARG A 171 -9.16 -3.55 -11.22
CA ARG A 171 -9.67 -3.44 -12.60
C ARG A 171 -11.01 -4.19 -12.74
N PHE A 172 -12.11 -3.45 -12.76
CA PHE A 172 -13.43 -4.06 -12.86
C PHE A 172 -13.83 -4.37 -14.29
N ALA A 188 -17.78 -1.78 -2.56
CA ALA A 188 -16.63 -2.47 -3.18
C ALA A 188 -16.04 -1.63 -4.31
N GLU A 189 -16.86 -1.32 -5.31
CA GLU A 189 -16.45 -0.39 -6.35
C GLU A 189 -15.94 0.94 -5.77
N PRO A 190 -16.70 1.54 -4.83
CA PRO A 190 -16.29 2.86 -4.32
C PRO A 190 -15.03 2.86 -3.47
N SER A 191 -14.77 1.77 -2.77
CA SER A 191 -13.60 1.68 -1.91
C SER A 191 -12.34 1.16 -2.59
N SER A 192 -12.45 0.68 -3.83
CA SER A 192 -11.34 -0.03 -4.47
C SER A 192 -10.42 0.83 -5.33
N GLY A 193 -9.20 1.07 -4.84
CA GLY A 193 -8.29 2.00 -5.50
C GLY A 193 -7.17 1.30 -6.26
N ALA A 194 -6.16 2.10 -6.57
CA ALA A 194 -4.97 1.66 -7.29
C ALA A 194 -3.79 2.43 -6.73
N GLY A 195 -2.70 1.74 -6.44
CA GLY A 195 -1.51 2.39 -5.95
C GLY A 195 -0.42 1.41 -5.68
N ALA A 196 0.75 1.95 -5.41
CA ALA A 196 1.91 1.17 -5.03
C ALA A 196 2.81 1.95 -4.10
N VAL A 197 3.48 1.21 -3.24
CA VAL A 197 4.44 1.77 -2.31
C VAL A 197 5.69 0.92 -2.34
N ALA A 198 6.83 1.57 -2.52
CA ALA A 198 8.11 0.89 -2.61
C ALA A 198 8.94 1.16 -1.39
N LEU A 199 9.53 0.11 -0.85
CA LEU A 199 10.36 0.17 0.36
C LEU A 199 11.74 -0.36 0.07
N LEU A 200 12.75 0.43 0.38
CA LEU A 200 14.14 -0.03 0.36
C LEU A 200 14.47 -0.42 1.79
N VAL A 201 14.91 -1.65 1.97
CA VAL A 201 15.14 -2.21 3.30
C VAL A 201 16.63 -2.51 3.48
N SER A 202 17.22 -2.07 4.60
CA SER A 202 18.66 -2.19 4.79
C SER A 202 19.03 -2.06 6.25
N ASP A 203 20.32 -2.16 6.55
CA ASP A 203 20.81 -1.89 7.91
C ASP A 203 21.08 -0.43 8.24
N THR A 204 20.68 0.50 7.37
CA THR A 204 20.66 1.93 7.72
C THR A 204 19.25 2.49 7.54
N PRO A 205 18.39 2.26 8.52
CA PRO A 205 16.97 2.55 8.33
C PRO A 205 16.61 4.02 8.53
N HIS A 206 16.98 4.88 7.58
CA HIS A 206 16.77 6.33 7.70
C HIS A 206 15.33 6.73 7.93
N ILE A 207 14.37 5.92 7.51
CA ILE A 207 12.96 6.30 7.64
C ILE A 207 12.24 5.62 8.80
N PHE A 208 12.35 4.30 8.91
CA PHE A 208 11.60 3.58 9.92
C PHE A 208 12.51 2.53 10.49
N GLN A 209 12.87 2.67 11.76
CA GLN A 209 13.73 1.71 12.42
C GLN A 209 12.87 0.65 13.09
N ILE A 210 13.01 -0.59 12.66
CA ILE A 210 12.15 -1.67 13.15
C ILE A 210 12.54 -2.09 14.57
N ASP A 211 11.53 -2.29 15.41
CA ASP A 211 11.67 -2.97 16.70
C ASP A 211 11.82 -4.47 16.43
N VAL A 212 13.06 -4.95 16.52
CA VAL A 212 13.40 -6.33 16.15
C VAL A 212 12.78 -7.38 17.10
N GLY A 213 12.14 -8.39 16.53
CA GLY A 213 11.48 -9.42 17.35
C GLY A 213 10.17 -9.00 17.99
N CYS A 214 9.73 -7.76 17.77
CA CYS A 214 8.47 -7.27 18.31
C CYS A 214 7.35 -7.52 17.27
N ASN A 215 6.88 -8.76 17.25
CA ASN A 215 5.92 -9.20 16.24
C ASN A 215 4.90 -10.13 16.85
N GLY A 216 3.63 -9.92 16.53
CA GLY A 216 2.60 -10.94 16.78
C GLY A 216 1.84 -11.17 15.50
N TYR A 217 1.42 -12.42 15.27
CA TYR A 217 0.71 -12.78 14.08
C TYR A 217 -0.41 -13.75 14.37
N TYR A 218 -1.40 -13.80 13.49
CA TYR A 218 -2.57 -14.59 13.69
C TYR A 218 -3.30 -14.78 12.37
N GLY A 219 -3.67 -16.03 12.08
CA GLY A 219 -4.52 -16.30 10.92
C GLY A 219 -5.15 -17.66 11.02
N TYR A 220 -6.11 -17.89 10.13
CA TYR A 220 -6.86 -19.15 10.07
C TYR A 220 -7.67 -19.07 8.77
N GLU A 221 -8.12 -20.23 8.28
CA GLU A 221 -8.86 -20.28 7.02
C GLU A 221 -10.29 -19.76 7.23
N VAL A 222 -10.68 -18.76 6.44
CA VAL A 222 -11.98 -18.13 6.49
C VAL A 222 -12.30 -17.54 5.10
N MET A 223 -13.54 -17.64 4.68
CA MET A 223 -13.99 -17.09 3.39
C MET A 223 -14.55 -15.66 3.50
N ASP A 224 -13.78 -14.74 4.08
CA ASP A 224 -14.26 -13.38 4.23
C ASP A 224 -14.28 -12.65 2.89
N THR A 225 -13.14 -12.64 2.19
CA THR A 225 -13.12 -12.26 0.78
C THR A 225 -12.05 -13.13 0.07
N CYS A 226 -12.20 -13.26 -1.24
CA CYS A 226 -11.25 -13.97 -2.07
C CYS A 226 -11.38 -13.48 -3.52
N ARG A 227 -10.45 -13.90 -4.39
CA ARG A 227 -10.45 -13.51 -5.81
C ARG A 227 -10.29 -14.75 -6.68
N PRO A 228 -11.36 -15.51 -6.80
CA PRO A 228 -11.29 -16.83 -7.43
C PRO A 228 -11.25 -16.76 -8.96
N ASN A 229 -11.60 -15.60 -9.51
CA ASN A 229 -11.55 -15.30 -10.94
C ASN A 229 -10.69 -14.06 -11.23
N PRO A 230 -10.17 -13.94 -12.48
CA PRO A 230 -9.41 -12.74 -12.90
C PRO A 230 -10.28 -11.47 -12.91
N ASP A 231 -9.68 -10.34 -12.53
CA ASP A 231 -10.28 -8.99 -12.60
C ASP A 231 -11.64 -8.96 -11.89
N SER A 232 -11.68 -9.58 -10.71
CA SER A 232 -12.93 -9.89 -10.02
C SER A 232 -12.69 -10.05 -8.51
N GLU A 233 -13.76 -10.07 -7.71
CA GLU A 233 -13.63 -10.31 -6.26
C GLU A 233 -14.95 -10.82 -5.65
N ALA A 234 -14.87 -11.77 -4.71
CA ALA A 234 -16.05 -12.31 -4.02
C ALA A 234 -15.82 -12.22 -2.49
N GLY A 235 -16.89 -12.01 -1.74
CA GLY A 235 -16.76 -11.87 -0.28
C GLY A 235 -18.01 -11.37 0.44
N ASP A 236 -18.01 -11.54 1.75
CA ASP A 236 -19.08 -11.07 2.61
C ASP A 236 -18.53 -9.95 3.52
N ALA A 237 -19.09 -8.76 3.37
CA ALA A 237 -18.65 -7.58 4.13
C ALA A 237 -18.74 -7.77 5.65
N ASP A 238 -19.82 -8.41 6.12
CA ASP A 238 -20.00 -8.67 7.56
C ASP A 238 -18.99 -9.68 8.12
N LEU A 239 -18.70 -10.73 7.36
CA LEU A 239 -17.67 -11.69 7.77
C LEU A 239 -16.26 -11.08 7.65
N SER A 240 -16.04 -10.25 6.63
CA SER A 240 -14.80 -9.44 6.52
C SER A 240 -14.53 -8.65 7.77
N LEU A 241 -15.56 -7.95 8.26
CA LEU A 241 -15.44 -7.13 9.45
C LEU A 241 -15.13 -7.95 10.71
N LEU A 242 -15.88 -9.02 10.93
CA LEU A 242 -15.62 -9.90 12.06
C LEU A 242 -14.19 -10.41 12.07
N SER A 243 -13.68 -10.83 10.92
CA SER A 243 -12.36 -11.46 10.89
C SER A 243 -11.27 -10.43 11.14
N TYR A 244 -11.45 -9.24 10.57
CA TYR A 244 -10.49 -8.16 10.77
C TYR A 244 -10.33 -7.85 12.28
N LEU A 245 -11.45 -7.75 12.99
CA LEU A 245 -11.44 -7.44 14.44
C LEU A 245 -10.87 -8.56 15.26
N ASP A 246 -11.26 -9.78 14.95
CA ASP A 246 -10.69 -10.95 15.58
C ASP A 246 -9.16 -10.96 15.40
N CYS A 247 -8.66 -10.69 14.21
CA CYS A 247 -7.21 -10.68 14.01
C CYS A 247 -6.54 -9.47 14.68
N CYS A 248 -7.21 -8.32 14.66
CA CYS A 248 -6.64 -7.13 15.26
C CYS A 248 -6.39 -7.39 16.74
N GLU A 249 -7.32 -8.05 17.38
CA GLU A 249 -7.19 -8.36 18.81
C GLU A 249 -6.13 -9.45 19.05
N ASN A 250 -6.18 -10.53 18.28
CA ASN A 250 -5.29 -11.67 18.56
C ASN A 250 -3.86 -11.49 18.11
N ALA A 251 -3.65 -10.77 17.01
CA ALA A 251 -2.28 -10.46 16.62
C ALA A 251 -1.64 -9.55 17.66
N TYR A 252 -2.39 -8.59 18.17
CA TYR A 252 -1.88 -7.71 19.22
C TYR A 252 -1.60 -8.47 20.50
N ARG A 253 -2.49 -9.39 20.86
CA ARG A 253 -2.26 -10.19 22.07
C ARG A 253 -0.94 -10.96 21.97
N HIS A 254 -0.63 -11.48 20.78
CA HIS A 254 0.59 -12.27 20.57
C HIS A 254 1.83 -11.39 20.73
N TYR A 255 1.73 -10.17 20.18
CA TYR A 255 2.79 -9.19 20.36
C TYR A 255 3.01 -8.88 21.82
N GLN A 256 1.91 -8.68 22.53
CA GLN A 256 1.90 -8.41 23.98
C GLN A 256 2.61 -9.49 24.77
N ASN A 257 2.32 -10.77 24.47
CA ASN A 257 2.99 -11.88 25.14
C ASN A 257 4.48 -11.86 24.88
N ARG A 258 4.89 -11.32 23.73
CA ARG A 258 6.31 -11.25 23.41
C ARG A 258 7.02 -9.97 23.87
N VAL A 259 6.29 -8.92 24.18
CA VAL A 259 6.91 -7.64 24.47
C VAL A 259 6.36 -7.25 25.83
N GLU A 260 7.10 -7.58 26.87
CA GLU A 260 6.55 -7.48 28.22
C GLU A 260 6.30 -6.04 28.64
N GLY A 261 5.16 -5.81 29.28
CA GLY A 261 4.79 -4.50 29.78
C GLY A 261 4.37 -3.50 28.72
N VAL A 262 4.06 -3.95 27.51
CA VAL A 262 3.64 -3.02 26.48
C VAL A 262 2.21 -2.55 26.75
N ASP A 263 1.92 -1.29 26.44
CA ASP A 263 0.59 -0.74 26.69
C ASP A 263 -0.04 -0.15 25.43
N TYR A 264 -1.29 -0.50 25.16
CA TYR A 264 -1.92 -0.10 23.89
C TYR A 264 -2.03 1.42 23.72
N ARG A 265 -2.26 2.18 24.80
CA ARG A 265 -2.26 3.63 24.66
C ARG A 265 -0.86 4.20 24.78
N GLU A 266 -0.14 3.83 25.83
CA GLU A 266 1.11 4.51 26.19
C GLU A 266 2.33 4.17 25.35
N SER A 267 2.46 2.94 24.87
CA SER A 267 3.66 2.54 24.13
C SER A 267 3.66 3.01 22.64
N PHE A 268 2.53 3.43 22.12
CA PHE A 268 2.45 3.80 20.71
C PHE A 268 1.97 5.23 20.52
N ASP A 269 2.83 6.09 19.98
CA ASP A 269 2.47 7.49 19.73
C ASP A 269 1.46 7.59 18.59
N TYR A 270 1.60 6.73 17.57
CA TYR A 270 0.61 6.63 16.50
C TYR A 270 0.31 5.18 16.18
N LEU A 271 -0.82 4.96 15.51
CA LEU A 271 -1.20 3.67 15.00
C LEU A 271 -1.53 3.76 13.52
N SER A 272 -0.97 2.80 12.76
CA SER A 272 -1.32 2.64 11.34
C SER A 272 -1.91 1.26 11.14
N PHE A 273 -2.95 1.21 10.30
CA PHE A 273 -3.73 0.01 10.03
C PHE A 273 -3.85 -0.22 8.53
N HIS A 274 -4.00 -1.49 8.14
CA HIS A 274 -4.60 -1.79 6.87
C HIS A 274 -5.98 -1.13 6.87
N THR A 275 -6.25 -0.35 5.83
CA THR A 275 -7.39 0.55 5.82
C THR A 275 -8.27 0.30 4.59
N PRO A 276 -9.21 -0.64 4.70
CA PRO A 276 -10.15 -0.87 3.60
C PRO A 276 -10.95 0.41 3.31
N PHE A 277 -11.33 1.10 4.38
CA PHE A 277 -11.90 2.46 4.35
C PHE A 277 -11.82 2.94 5.80
N GLY A 278 -11.76 4.24 6.01
CA GLY A 278 -11.51 4.81 7.33
C GLY A 278 -12.48 4.44 8.45
N GLY A 279 -13.78 4.39 8.13
CA GLY A 279 -14.82 4.03 9.10
C GLY A 279 -14.55 2.73 9.83
N MET A 280 -14.02 1.76 9.08
CA MET A 280 -13.72 0.47 9.64
C MET A 280 -12.52 0.51 10.58
N VAL A 281 -11.50 1.29 10.26
CA VAL A 281 -10.37 1.48 11.16
C VAL A 281 -10.83 2.16 12.46
N LYS A 282 -11.69 3.16 12.33
CA LYS A 282 -12.29 3.81 13.49
C LYS A 282 -13.02 2.81 14.40
N GLY A 283 -13.86 1.96 13.79
CA GLY A 283 -14.50 0.85 14.50
C GLY A 283 -13.50 -0.06 15.22
N ALA A 284 -12.46 -0.47 14.54
CA ALA A 284 -11.48 -1.40 15.14
C ALA A 284 -10.72 -0.75 16.30
N HIS A 285 -10.30 0.49 16.11
CA HIS A 285 -9.62 1.20 17.18
C HIS A 285 -10.56 1.37 18.36
N ARG A 286 -11.82 1.73 18.09
CA ARG A 286 -12.81 1.83 19.17
C ARG A 286 -12.91 0.52 19.96
N ASN A 287 -13.01 -0.59 19.24
CA ASN A 287 -13.09 -1.90 19.86
C ASN A 287 -11.85 -2.23 20.69
N MET A 288 -10.67 -1.95 20.17
CA MET A 288 -9.44 -2.24 20.93
C MET A 288 -9.42 -1.44 22.21
N MET A 289 -9.76 -0.17 22.11
CA MET A 289 -9.68 0.71 23.27
C MET A 289 -10.68 0.31 24.37
N ARG A 290 -11.89 -0.03 23.95
CA ARG A 290 -12.93 -0.43 24.87
C ARG A 290 -12.46 -1.67 25.63
N ARG A 291 -11.99 -2.67 24.92
CA ARG A 291 -11.59 -3.93 25.53
C ARG A 291 -10.29 -3.82 26.33
N LEU A 292 -9.26 -3.22 25.75
CA LEU A 292 -7.97 -3.19 26.42
C LEU A 292 -7.87 -2.15 27.54
N LYS A 293 -8.63 -1.07 27.45
CA LYS A 293 -8.45 0.03 28.40
C LYS A 293 -9.70 0.47 29.17
N ARG A 294 -10.85 -0.15 28.88
CA ARG A 294 -12.13 0.29 29.44
C ARG A 294 -12.38 1.77 29.17
N ALA A 295 -11.93 2.28 28.03
CA ALA A 295 -12.03 3.71 27.78
C ALA A 295 -13.45 4.09 27.42
N LYS A 296 -13.80 5.34 27.71
CA LYS A 296 -15.13 5.87 27.45
C LYS A 296 -15.21 6.51 26.08
N PRO A 297 -16.43 6.65 25.54
CA PRO A 297 -16.54 7.10 24.16
C PRO A 297 -15.80 8.39 23.83
N ALA A 298 -15.88 9.40 24.70
CA ALA A 298 -15.23 10.68 24.38
C ALA A 298 -13.71 10.54 24.37
N GLU A 299 -13.17 9.81 25.35
CA GLU A 299 -11.74 9.55 25.40
C GLU A 299 -11.28 8.78 24.13
N ILE A 300 -12.07 7.80 23.74
CA ILE A 300 -11.77 6.99 22.59
C ILE A 300 -11.70 7.88 21.34
N GLU A 301 -12.66 8.78 21.17
CA GLU A 301 -12.70 9.62 19.99
C GLU A 301 -11.52 10.61 19.94
N ALA A 302 -11.13 11.14 21.08
CA ALA A 302 -9.93 12.02 21.14
C ALA A 302 -8.65 11.24 20.78
N ASP A 303 -8.56 10.00 21.24
CA ASP A 303 -7.41 9.16 20.97
C ASP A 303 -7.36 8.80 19.48
N PHE A 304 -8.52 8.52 18.89
CA PHE A 304 -8.65 8.27 17.45
C PHE A 304 -8.09 9.45 16.66
N GLN A 305 -8.50 10.66 17.02
CA GLN A 305 -8.08 11.83 16.29
C GLN A 305 -6.59 12.07 16.41
N ARG A 306 -6.06 11.86 17.60
CA ARG A 306 -4.64 12.08 17.86
C ARG A 306 -3.73 11.00 17.22
N ARG A 307 -4.07 9.72 17.39
CA ARG A 307 -3.12 8.66 17.05
C ARG A 307 -3.38 7.96 15.71
N VAL A 308 -4.60 8.06 15.20
CA VAL A 308 -5.04 7.26 14.07
C VAL A 308 -5.36 8.10 12.83
N MET A 309 -6.00 9.22 13.05
CA MET A 309 -6.41 10.08 11.97
C MET A 309 -5.25 10.55 11.08
N PRO A 310 -4.07 10.76 11.65
CA PRO A 310 -3.01 11.17 10.72
C PRO A 310 -2.68 10.12 9.61
N GLY A 311 -2.73 8.85 9.96
CA GLY A 311 -2.54 7.76 9.01
C GLY A 311 -3.59 7.67 7.90
N LEU A 312 -4.77 8.23 8.13
CA LEU A 312 -5.88 8.08 7.18
C LEU A 312 -5.92 9.17 6.10
N VAL A 313 -5.19 10.25 6.30
CA VAL A 313 -5.23 11.35 5.35
C VAL A 313 -4.98 10.88 3.91
N TYR A 314 -3.83 10.25 3.63
CA TYR A 314 -3.56 9.81 2.25
C TYR A 314 -4.46 8.64 1.83
N CYS A 315 -4.82 7.77 2.76
CA CYS A 315 -5.71 6.65 2.43
C CYS A 315 -7.03 7.11 1.84
N GLN A 316 -7.56 8.23 2.32
CA GLN A 316 -8.81 8.80 1.82
C GLN A 316 -8.73 9.39 0.44
N GLN A 317 -7.52 9.54 -0.07
CA GLN A 317 -7.32 10.10 -1.40
C GLN A 317 -7.00 9.07 -2.46
N VAL A 318 -6.69 7.84 -2.04
CA VAL A 318 -6.44 6.76 -2.96
C VAL A 318 -7.42 5.58 -2.89
N GLY A 319 -8.08 5.39 -1.74
CA GLY A 319 -9.01 4.27 -1.56
C GLY A 319 -8.22 3.07 -1.07
N ASN A 320 -8.85 1.89 -1.04
CA ASN A 320 -8.13 0.66 -0.65
C ASN A 320 -7.18 0.20 -1.78
N ILE A 321 -5.87 0.21 -1.49
CA ILE A 321 -4.88 -0.25 -2.46
C ILE A 321 -4.22 -1.54 -1.98
N MET A 322 -5.02 -2.36 -1.32
CA MET A 322 -4.66 -3.71 -0.92
C MET A 322 -3.40 -3.80 -0.06
N GLY A 323 -2.43 -4.58 -0.51
CA GLY A 323 -1.27 -4.87 0.27
C GLY A 323 -0.42 -3.64 0.52
N ALA A 324 -0.63 -2.59 -0.29
CA ALA A 324 0.14 -1.36 -0.11
C ALA A 324 -0.49 -0.35 0.89
N THR A 325 -1.72 -0.61 1.32
CA THR A 325 -2.46 0.36 2.11
C THR A 325 -1.80 0.68 3.45
N LEU A 326 -1.33 -0.33 4.17
CA LEU A 326 -0.66 -0.09 5.46
C LEU A 326 0.60 0.78 5.30
N PHE A 327 1.37 0.54 4.24
CA PHE A 327 2.58 1.31 4.00
C PHE A 327 2.23 2.77 3.62
N LEU A 328 1.16 2.96 2.86
CA LEU A 328 0.67 4.31 2.61
C LEU A 328 0.23 4.98 3.92
N SER A 329 -0.47 4.24 4.78
CA SER A 329 -0.85 4.76 6.10
C SER A 329 0.38 5.19 6.89
N LEU A 330 1.43 4.35 6.86
CA LEU A 330 2.68 4.73 7.54
C LEU A 330 3.20 6.10 7.03
N ALA A 331 3.28 6.24 5.71
CA ALA A 331 3.74 7.45 5.07
C ALA A 331 2.87 8.63 5.47
N SER A 332 1.55 8.42 5.51
CA SER A 332 0.60 9.43 5.95
C SER A 332 0.77 9.83 7.39
N THR A 333 0.93 8.83 8.25
CA THR A 333 1.21 9.07 9.65
C THR A 333 2.46 9.95 9.81
N ILE A 334 3.51 9.61 9.08
CA ILE A 334 4.77 10.33 9.20
C ILE A 334 4.63 11.79 8.77
N ASP A 335 4.09 12.05 7.58
CA ASP A 335 3.87 13.41 7.10
C ASP A 335 2.89 14.24 7.93
N ASN A 336 1.88 13.61 8.53
CA ASN A 336 0.78 14.40 9.13
C ASN A 336 0.81 14.45 10.64
N GLY A 337 1.61 13.62 11.27
CA GLY A 337 1.75 13.64 12.71
C GLY A 337 2.92 14.50 13.19
N ASP A 338 3.20 14.42 14.48
CA ASP A 338 4.24 15.23 15.11
C ASP A 338 5.49 14.42 15.44
N PHE A 339 6.58 14.76 14.78
CA PHE A 339 7.87 14.08 14.94
C PHE A 339 9.01 15.02 15.37
N SER A 340 8.69 15.96 16.24
CA SER A 340 9.75 16.84 16.78
C SER A 340 10.68 16.11 17.76
N THR A 341 10.22 15.00 18.32
CA THR A 341 11.04 14.02 19.03
C THR A 341 10.76 12.60 18.45
N PRO A 342 11.69 11.64 18.57
CA PRO A 342 11.37 10.32 17.98
C PRO A 342 10.04 9.73 18.47
N ARG A 343 9.36 8.98 17.63
CA ARG A 343 8.05 8.43 17.98
C ARG A 343 7.96 6.95 17.66
N ARG A 344 7.18 6.21 18.43
CA ARG A 344 6.92 4.83 18.10
C ARG A 344 5.57 4.65 17.44
N ILE A 345 5.55 3.87 16.36
CA ILE A 345 4.33 3.63 15.60
C ILE A 345 4.03 2.15 15.64
N GLY A 346 2.79 1.83 16.01
CA GLY A 346 2.28 0.46 15.99
C GLY A 346 1.57 0.18 14.65
N MET A 347 1.89 -0.96 14.05
CA MET A 347 1.46 -1.31 12.70
C MET A 347 0.59 -2.57 12.73
N PHE A 348 -0.62 -2.49 12.18
CA PHE A 348 -1.47 -3.69 12.07
C PHE A 348 -1.79 -4.00 10.63
N SER A 349 -1.38 -5.20 10.20
CA SER A 349 -1.54 -5.68 8.85
C SER A 349 -2.56 -6.81 8.86
N TYR A 350 -3.42 -6.82 7.85
CA TYR A 350 -4.45 -7.85 7.70
C TYR A 350 -4.62 -8.19 6.24
N GLY A 351 -4.82 -9.46 5.95
CA GLY A 351 -5.20 -9.89 4.64
C GLY A 351 -6.30 -10.91 4.77
N SER A 352 -7.32 -10.76 3.94
CA SER A 352 -8.43 -11.71 3.91
C SER A 352 -7.94 -13.09 3.66
N GLY A 353 -8.65 -14.07 4.22
CA GLY A 353 -8.38 -15.45 3.86
C GLY A 353 -8.03 -16.46 4.93
N CYS A 354 -7.43 -16.10 6.07
CA CYS A 354 -6.90 -14.79 6.41
C CYS A 354 -5.54 -14.90 7.16
N CYS A 355 -4.79 -13.80 7.26
CA CYS A 355 -3.58 -13.74 8.09
C CYS A 355 -3.33 -12.27 8.43
N SER A 356 -2.60 -12.04 9.51
CA SER A 356 -2.42 -10.73 10.08
C SER A 356 -1.18 -10.66 10.96
N GLU A 357 -0.70 -9.43 11.20
CA GLU A 357 0.51 -9.22 11.98
C GLU A 357 0.50 -7.84 12.58
N PHE A 358 0.89 -7.77 13.86
CA PHE A 358 1.07 -6.50 14.55
C PHE A 358 2.55 -6.35 14.85
N TYR A 359 3.09 -5.18 14.57
CA TYR A 359 4.51 -4.93 14.75
C TYR A 359 4.74 -3.45 14.92
N SER A 360 5.99 -3.02 15.08
CA SER A 360 6.26 -1.62 15.44
C SER A 360 7.66 -1.14 15.05
N GLY A 361 7.81 0.18 15.04
CA GLY A 361 9.12 0.79 14.84
C GLY A 361 9.10 2.26 15.20
N VAL A 362 10.22 2.92 14.97
CA VAL A 362 10.44 4.30 15.39
C VAL A 362 10.87 5.19 14.21
N VAL A 363 10.32 6.40 14.20
CA VAL A 363 10.66 7.45 13.26
C VAL A 363 11.23 8.67 14.02
N THR A 364 12.37 9.18 13.58
CA THR A 364 13.04 10.34 14.22
C THR A 364 12.64 11.60 13.47
N PRO A 365 12.98 12.80 14.01
CA PRO A 365 12.75 14.05 13.25
C PRO A 365 13.47 14.08 11.91
N GLU A 366 14.67 13.53 11.87
CA GLU A 366 15.44 13.44 10.65
C GLU A 366 14.67 12.62 9.62
N GLY A 367 14.20 11.45 10.04
CA GLY A 367 13.42 10.58 9.15
C GLY A 367 12.21 11.28 8.57
N ALA A 368 11.45 11.94 9.44
CA ALA A 368 10.28 12.69 9.03
C ALA A 368 10.61 13.80 8.02
N ALA A 369 11.75 14.47 8.20
CA ALA A 369 12.18 15.51 7.25
C ALA A 369 12.50 14.94 5.89
N ILE A 370 13.26 13.85 5.87
CA ILE A 370 13.50 13.17 4.61
C ILE A 370 12.17 12.76 3.93
N ALA A 371 11.25 12.20 4.71
CA ALA A 371 9.96 11.77 4.14
C ALA A 371 9.16 12.97 3.58
N ALA A 372 9.22 14.12 4.25
CA ALA A 372 8.50 15.31 3.79
C ALA A 372 8.98 15.73 2.41
N GLN A 373 10.26 15.55 2.13
CA GLN A 373 10.79 15.97 0.85
C GLN A 373 10.29 15.15 -0.34
N GLN A 374 9.59 14.04 -0.09
CA GLN A 374 9.07 13.23 -1.17
C GLN A 374 7.86 13.89 -1.83
N GLY A 375 7.20 14.81 -1.12
CA GLY A 375 6.09 15.56 -1.68
C GLY A 375 4.85 14.73 -2.00
N ILE A 376 4.45 13.82 -1.10
CA ILE A 376 3.30 12.96 -1.42
C ILE A 376 2.03 13.72 -1.64
N SER A 377 1.76 14.64 -0.74
CA SER A 377 0.57 15.47 -0.81
C SER A 377 0.41 16.19 -2.14
N ALA A 378 1.48 16.83 -2.58
CA ALA A 378 1.48 17.54 -3.83
C ALA A 378 1.32 16.59 -4.99
N GLN A 379 1.97 15.42 -4.92
CA GLN A 379 1.78 14.41 -5.96
C GLN A 379 0.27 14.07 -6.10
N LEU A 380 -0.38 13.86 -4.97
CA LEU A 380 -1.78 13.41 -5.00
C LEU A 380 -2.73 14.52 -5.48
N ALA A 381 -2.43 15.77 -5.11
CA ALA A 381 -3.20 16.92 -5.57
C ALA A 381 -3.06 17.19 -7.05
N ASP A 382 -1.95 16.80 -7.67
CA ASP A 382 -1.74 17.06 -9.09
C ASP A 382 -2.36 16.02 -10.02
N ARG A 383 -3.05 15.02 -9.48
CA ARG A 383 -3.64 13.98 -10.34
C ARG A 383 -4.81 14.55 -11.09
N TYR A 384 -5.12 13.99 -12.25
CA TYR A 384 -6.28 14.46 -13.04
C TYR A 384 -7.56 14.04 -12.38
N SER A 385 -8.55 14.92 -12.35
CA SER A 385 -9.81 14.65 -11.67
C SER A 385 -10.85 14.24 -12.69
N LEU A 386 -11.28 12.99 -12.62
CA LEU A 386 -12.20 12.42 -13.58
C LEU A 386 -13.64 12.86 -13.40
N SER A 387 -14.30 13.12 -14.52
CA SER A 387 -15.75 13.25 -14.49
C SER A 387 -16.34 11.87 -14.49
N MET A 388 -17.61 11.81 -14.14
CA MET A 388 -18.32 10.53 -14.13
C MET A 388 -18.38 9.87 -15.50
N GLU A 389 -18.54 10.68 -16.54
CA GLU A 389 -18.56 10.20 -17.90
C GLU A 389 -17.21 9.58 -18.32
N GLU A 390 -16.12 10.28 -18.04
CA GLU A 390 -14.79 9.75 -18.29
C GLU A 390 -14.57 8.44 -17.56
N TYR A 391 -15.06 8.37 -16.32
CA TYR A 391 -14.87 7.20 -15.50
C TYR A 391 -15.60 5.98 -16.04
N GLU A 392 -16.83 6.15 -16.52
CA GLU A 392 -17.53 5.01 -17.07
C GLU A 392 -16.89 4.53 -18.37
N GLN A 393 -16.37 5.45 -19.18
CA GLN A 393 -15.66 5.04 -20.39
C GLN A 393 -14.37 4.27 -20.03
N LEU A 394 -13.69 4.73 -19.01
CA LEU A 394 -12.52 4.02 -18.50
C LEU A 394 -12.82 2.58 -18.13
N LEU A 395 -13.90 2.36 -17.40
CA LEU A 395 -14.33 1.02 -17.07
C LEU A 395 -14.58 0.22 -18.34
N TYR A 396 -15.37 0.79 -19.25
CA TYR A 396 -15.62 0.14 -20.54
C TYR A 396 -14.32 -0.20 -21.26
N HIS A 397 -13.32 0.69 -21.22
CA HIS A 397 -12.08 0.44 -21.97
C HIS A 397 -11.17 -0.60 -21.35
N SER A 398 -11.37 -0.92 -20.07
CA SER A 398 -10.47 -1.79 -19.36
C SER A 398 -10.46 -3.26 -19.79
N SER A 399 -11.52 -3.73 -20.45
CA SER A 399 -11.57 -5.10 -20.97
C SER A 399 -10.41 -5.46 -21.91
N ALA A 400 -9.88 -4.46 -22.60
CA ALA A 400 -8.83 -4.70 -23.56
C ALA A 400 -7.52 -5.13 -22.89
N VAL A 401 -7.30 -4.76 -21.64
CA VAL A 401 -6.10 -5.22 -20.93
C VAL A 401 -6.42 -6.21 -19.80
N ALA A 402 -7.49 -6.98 -19.94
CA ALA A 402 -7.82 -8.02 -18.98
C ALA A 402 -6.71 -9.08 -18.82
N PHE A 403 -6.73 -9.75 -17.67
CA PHE A 403 -5.85 -10.89 -17.41
C PHE A 403 -5.93 -11.89 -18.54
N GLY A 404 -4.79 -12.39 -19.00
CA GLY A 404 -4.81 -13.33 -20.12
C GLY A 404 -4.73 -12.73 -21.50
N THR A 405 -4.72 -11.39 -21.61
CA THR A 405 -4.60 -10.75 -22.93
C THR A 405 -3.27 -11.14 -23.60
N ARG A 406 -3.34 -11.55 -24.85
CA ARG A 406 -2.16 -11.97 -25.59
C ARG A 406 -1.49 -10.85 -26.43
N ASN A 407 -2.31 -9.99 -27.01
CA ASN A 407 -1.85 -8.92 -27.86
C ASN A 407 -2.74 -7.72 -27.67
N VAL A 408 -2.15 -6.54 -27.49
CA VAL A 408 -2.91 -5.31 -27.43
C VAL A 408 -1.91 -4.19 -27.64
N THR A 409 -2.35 -3.14 -28.33
CA THR A 409 -1.54 -1.97 -28.60
C THR A 409 -2.32 -0.78 -28.04
N LEU A 410 -1.76 -0.12 -27.03
CA LEU A 410 -2.53 0.89 -26.26
C LEU A 410 -2.57 2.23 -26.99
N ASP A 411 -3.73 2.88 -26.96
CA ASP A 411 -3.90 4.24 -27.44
C ASP A 411 -3.78 5.18 -26.25
N TYR A 412 -2.62 5.82 -26.16
CA TYR A 412 -2.30 6.82 -25.13
C TYR A 412 -3.21 8.05 -25.14
N GLN A 413 -3.85 8.34 -26.27
CA GLN A 413 -4.73 9.49 -26.41
C GLN A 413 -6.20 9.16 -26.20
N LEU A 414 -6.50 8.00 -25.63
CA LEU A 414 -7.84 7.74 -25.05
C LEU A 414 -8.45 8.99 -24.37
N PHE A 415 -7.71 9.58 -23.44
CA PHE A 415 -8.12 10.84 -22.75
C PHE A 415 -6.95 11.80 -22.87
N PRO A 416 -7.03 12.72 -23.84
CA PRO A 416 -5.93 13.66 -24.08
C PRO A 416 -5.55 14.47 -22.85
N GLY A 417 -6.55 14.87 -22.05
CA GLY A 417 -6.33 15.59 -20.82
C GLY A 417 -5.52 14.83 -19.80
N VAL A 418 -5.85 13.57 -19.59
CA VAL A 418 -5.06 12.72 -18.68
C VAL A 418 -3.62 12.63 -19.19
N TRP A 419 -3.44 12.51 -20.50
CA TRP A 419 -2.10 12.41 -21.05
C TRP A 419 -1.22 13.66 -20.79
N LYS A 420 -1.83 14.85 -20.82
CA LYS A 420 -1.09 16.10 -20.51
C LYS A 420 -0.45 16.03 -19.14
N LYS A 421 -1.18 15.45 -18.20
CA LYS A 421 -0.71 15.28 -16.84
C LYS A 421 0.40 14.23 -16.68
N ILE A 422 0.70 13.45 -17.72
CA ILE A 422 1.70 12.40 -17.64
C ILE A 422 2.95 12.68 -18.48
N ALA A 423 2.74 13.04 -19.74
CA ALA A 423 3.85 13.34 -20.65
C ALA A 423 4.85 14.28 -19.98
N GLY A 424 6.14 14.02 -20.19
CA GLY A 424 7.21 14.84 -19.63
C GLY A 424 7.59 14.60 -18.18
N LYS A 425 6.85 13.78 -17.44
CA LYS A 425 7.14 13.60 -16.00
C LYS A 425 8.06 12.41 -15.67
N GLY A 426 8.53 11.70 -16.69
CA GLY A 426 9.34 10.50 -16.49
C GLY A 426 8.55 9.35 -15.84
N ARG A 427 7.36 9.08 -16.37
CA ARG A 427 6.49 8.00 -15.91
C ARG A 427 6.63 6.79 -16.80
N LEU A 428 6.62 5.61 -16.21
CA LEU A 428 6.52 4.41 -17.01
C LEU A 428 5.06 4.11 -17.32
N VAL A 429 4.78 3.71 -18.56
CA VAL A 429 3.44 3.23 -18.94
C VAL A 429 3.55 1.92 -19.72
N LEU A 430 2.44 1.18 -19.77
CA LEU A 430 2.31 0.01 -20.60
C LEU A 430 2.02 0.43 -22.04
N LYS A 431 2.92 0.05 -22.94
CA LYS A 431 2.83 0.37 -24.36
C LYS A 431 2.03 -0.66 -25.13
N ALA A 432 2.28 -1.94 -24.83
CA ALA A 432 1.68 -3.00 -25.58
C ALA A 432 1.89 -4.34 -24.88
N ILE A 433 1.09 -5.32 -25.27
CA ILE A 433 1.41 -6.72 -25.02
C ILE A 433 1.53 -7.42 -26.35
N LYS A 434 2.65 -8.10 -26.57
CA LYS A 434 2.87 -8.85 -27.81
C LYS A 434 3.20 -10.29 -27.46
N GLU A 435 2.32 -11.21 -27.85
CA GLU A 435 2.45 -12.63 -27.48
C GLU A 435 2.72 -12.82 -25.99
N PHE A 436 1.96 -12.10 -25.17
CA PHE A 436 1.99 -12.15 -23.69
C PHE A 436 3.17 -11.40 -23.08
N HIS A 437 4.11 -10.95 -23.89
CA HIS A 437 5.24 -10.17 -23.39
C HIS A 437 4.81 -8.72 -23.24
N ARG A 438 4.94 -8.19 -22.04
CA ARG A 438 4.53 -6.82 -21.79
C ARG A 438 5.69 -5.90 -22.11
N LYS A 439 5.38 -4.79 -22.79
CA LYS A 439 6.37 -3.78 -23.17
C LYS A 439 5.94 -2.45 -22.60
N TYR A 440 6.89 -1.73 -22.01
CA TYR A 440 6.62 -0.54 -21.25
C TYR A 440 7.45 0.57 -21.86
N GLU A 441 7.09 1.82 -21.58
CA GLU A 441 7.77 2.98 -22.18
C GLU A 441 7.85 4.11 -21.15
N TRP A 442 9.00 4.77 -21.06
CA TRP A 442 9.15 6.01 -20.29
C TRP A 442 8.62 7.18 -21.07
N VAL A 443 7.72 7.96 -20.50
CA VAL A 443 7.12 9.07 -21.20
C VAL A 443 7.17 10.37 -20.38
S SO4 B . 8.19 -1.41 23.00
O1 SO4 B . 7.06 -1.67 22.08
O2 SO4 B . 9.48 -1.40 22.27
O3 SO4 B . 7.95 -0.11 23.68
O4 SO4 B . 8.22 -2.44 24.07
#